data_6VIA
#
_entry.id   6VIA
#
_cell.length_a   58.517
_cell.length_b   58.517
_cell.length_c   231.902
_cell.angle_alpha   90.000
_cell.angle_beta   90.000
_cell.angle_gamma   120.000
#
_symmetry.space_group_name_H-M   'P 65 2 2'
#
loop_
_entity.id
_entity.type
_entity.pdbx_description
1 polymer '3-hydroxyanthranilate 3,4-dioxygenase'
2 non-polymer 2-AMINO-2-HYDROXYMETHYL-PROPANE-1,3-DIOL
3 non-polymer 'FE (II) ION'
4 non-polymer 'FE (III) ION'
5 non-polymer 'HYDROXIDE ION'
6 non-polymer '(2R,3E)-2-hydroxy-3-imino-2,3-dihydrooxepine-4-carboxylic acid'
7 water water
#
_entity_poly.entity_id   1
_entity_poly.type   'polypeptide(L)'
_entity_poly.pdbx_seq_one_letter_code
;MGHHHHHHHHHHSSGHIEGRHMLTYGAPFNFPRWIDEHAHLLKPPVGNRQVWQDSDFIVTVVGGPNHRTDYHDDPLEEFF
YQLRGNAYLNLWVDGRRERADLKEGDIFLLPPHVRHSPQRPEAGSACLVIERQRPAGMLDGFEWYCDACGHLVHRVEVQL
KSIVTDLPPLFESFYASEDKRRCPHCGQVHPGRAA
;
_entity_poly.pdbx_strand_id   A
#
# COMPACT_ATOMS: atom_id res chain seq x y z
N ARG A 20 -14.91 31.53 -6.00
CA ARG A 20 -13.53 31.90 -6.33
C ARG A 20 -12.72 30.70 -6.85
N HIS A 21 -11.85 30.96 -7.84
CA HIS A 21 -11.11 29.92 -8.54
C HIS A 21 -9.62 30.24 -8.48
N MET A 22 -8.86 29.40 -7.80
CA MET A 22 -7.41 29.53 -7.76
C MET A 22 -6.81 28.14 -7.87
N LEU A 23 -5.52 28.10 -8.16
CA LEU A 23 -4.81 26.83 -8.24
C LEU A 23 -4.42 26.42 -6.83
N THR A 24 -5.36 25.76 -6.16
CA THR A 24 -5.21 25.31 -4.78
C THR A 24 -3.98 24.44 -4.57
N TYR A 25 -3.63 23.61 -5.56
CA TYR A 25 -2.51 22.69 -5.46
C TYR A 25 -1.27 23.18 -6.18
N GLY A 26 -1.20 24.45 -6.46
CA GLY A 26 -0.08 25.12 -7.09
C GLY A 26 0.08 24.81 -8.57
N ALA A 27 1.18 25.32 -9.10
CA ALA A 27 1.54 25.24 -10.50
C ALA A 27 2.07 23.86 -10.90
N PRO A 28 2.08 23.55 -12.21
CA PRO A 28 2.77 22.33 -12.67
C PRO A 28 4.25 22.35 -12.26
N PHE A 29 4.80 21.16 -12.00
CA PHE A 29 6.23 21.12 -11.72
C PHE A 29 6.82 19.85 -12.31
N ASN A 30 8.16 19.83 -12.44
CA ASN A 30 8.83 18.70 -13.07
C ASN A 30 8.82 17.49 -12.11
N PHE A 31 8.22 16.39 -12.55
CA PHE A 31 8.08 15.20 -11.70
C PHE A 31 9.42 14.50 -11.48
N PRO A 32 10.27 14.28 -12.49
CA PRO A 32 11.51 13.55 -12.20
C PRO A 32 12.42 14.30 -11.26
N ARG A 33 12.47 15.60 -11.34
CA ARG A 33 13.26 16.35 -10.37
C ARG A 33 12.66 16.29 -8.99
N TRP A 34 11.33 16.37 -8.87
CA TRP A 34 10.68 16.18 -7.58
C TRP A 34 11.10 14.85 -6.93
N ILE A 35 11.06 13.77 -7.71
CA ILE A 35 11.38 12.44 -7.17
C ILE A 35 12.82 12.43 -6.70
N ASP A 36 13.73 13.03 -7.49
CA ASP A 36 15.13 13.07 -7.07
C ASP A 36 15.28 13.82 -5.76
N GLU A 37 14.56 14.93 -5.60
CA GLU A 37 14.74 15.77 -4.42
C GLU A 37 14.17 15.13 -3.17
N HIS A 38 13.25 14.18 -3.34
CA HIS A 38 12.61 13.48 -2.24
C HIS A 38 13.11 12.04 -2.09
N ALA A 39 14.21 11.67 -2.76
CA ALA A 39 14.70 10.30 -2.70
C ALA A 39 14.97 9.84 -1.27
N HIS A 40 15.37 10.74 -0.40
CA HIS A 40 15.73 10.35 0.95
C HIS A 40 14.51 10.02 1.80
N LEU A 41 13.31 10.41 1.40
CA LEU A 41 12.05 9.90 1.93
C LEU A 41 11.59 8.65 1.18
N LEU A 42 12.16 8.39 0.01
CA LEU A 42 11.72 7.28 -0.84
C LEU A 42 12.51 6.02 -0.55
N LYS A 43 12.81 5.84 0.72
CA LYS A 43 13.61 4.73 1.19
C LYS A 43 13.27 4.56 2.65
N PRO A 44 13.66 3.43 3.26
CA PRO A 44 13.35 3.31 4.70
C PRO A 44 13.91 4.47 5.52
N PRO A 45 13.21 4.87 6.59
CA PRO A 45 12.01 4.18 7.08
C PRO A 45 10.67 4.73 6.59
N VAL A 46 10.68 5.85 5.84
CA VAL A 46 9.44 6.48 5.42
C VAL A 46 8.90 5.83 4.15
N GLY A 47 9.73 5.74 3.12
CA GLY A 47 9.38 4.94 1.96
C GLY A 47 8.45 5.56 0.92
N ASN A 48 7.55 6.46 1.33
CA ASN A 48 6.63 7.04 0.34
C ASN A 48 6.30 8.45 0.76
N ARG A 49 5.73 9.19 -0.21
CA ARG A 49 5.51 10.61 0.01
C ARG A 49 4.31 11.00 -0.84
N GLN A 50 3.31 11.57 -0.20
CA GLN A 50 2.17 12.17 -0.91
C GLN A 50 2.58 13.45 -1.58
N VAL A 51 2.06 13.66 -2.81
CA VAL A 51 2.45 14.84 -3.58
C VAL A 51 1.66 16.07 -3.13
N TRP A 52 0.34 16.00 -3.12
CA TRP A 52 -0.47 17.14 -2.75
C TRP A 52 -1.29 16.81 -1.51
N GLN A 53 -1.53 17.80 -0.67
CA GLN A 53 -2.35 17.59 0.52
C GLN A 53 -3.78 18.08 0.28
N ASP A 54 -4.72 17.43 0.96
CA ASP A 54 -6.10 17.89 1.07
C ASP A 54 -6.81 17.80 -0.27
N SER A 55 -6.34 16.89 -1.12
CA SER A 55 -6.98 16.78 -2.43
C SER A 55 -7.85 15.53 -2.40
N ASP A 56 -8.79 15.49 -3.33
CA ASP A 56 -9.57 14.28 -3.49
C ASP A 56 -8.75 13.16 -4.10
N PHE A 57 -7.93 13.45 -5.12
CA PHE A 57 -6.99 12.47 -5.63
CA PHE A 57 -6.96 12.49 -5.64
C PHE A 57 -5.79 12.42 -4.68
N ILE A 58 -5.52 11.22 -4.12
CA ILE A 58 -4.36 11.00 -3.27
C ILE A 58 -3.28 10.48 -4.19
N VAL A 59 -2.25 11.29 -4.42
CA VAL A 59 -1.20 11.02 -5.39
C VAL A 59 0.09 10.80 -4.58
N THR A 60 0.65 9.60 -4.66
CA THR A 60 1.79 9.21 -3.83
C THR A 60 2.90 8.71 -4.73
N VAL A 61 4.15 8.90 -4.32
CA VAL A 61 5.27 8.17 -4.91
C VAL A 61 5.75 7.21 -3.83
N VAL A 62 5.94 5.96 -4.22
CA VAL A 62 6.35 4.91 -3.29
C VAL A 62 7.69 4.38 -3.75
N GLY A 63 8.66 4.34 -2.83
CA GLY A 63 10.00 3.89 -3.11
C GLY A 63 10.26 2.49 -2.59
N GLY A 64 11.51 2.22 -2.24
CA GLY A 64 11.92 0.94 -1.71
C GLY A 64 13.29 1.08 -1.13
N PRO A 65 13.81 0.01 -0.56
CA PRO A 65 13.10 -1.26 -0.47
C PRO A 65 12.08 -1.27 0.62
N ASN A 66 11.03 -2.04 0.38
CA ASN A 66 10.10 -2.38 1.43
C ASN A 66 9.40 -3.67 1.06
N HIS A 67 9.30 -4.57 2.03
CA HIS A 67 8.50 -5.78 1.94
C HIS A 67 7.46 -5.68 3.06
N ARG A 68 6.34 -6.36 2.87
CA ARG A 68 5.30 -6.26 3.89
C ARG A 68 4.39 -7.44 3.76
N THR A 69 3.72 -7.77 4.88
CA THR A 69 2.96 -9.00 4.97
C THR A 69 1.48 -8.78 4.94
N ASP A 70 1.03 -7.53 4.98
CA ASP A 70 -0.39 -7.25 5.01
C ASP A 70 -0.93 -7.17 3.58
N TYR A 71 -2.21 -7.49 3.45
CA TYR A 71 -2.97 -7.29 2.22
C TYR A 71 -3.96 -6.17 2.44
N HIS A 72 -3.98 -5.20 1.51
CA HIS A 72 -4.88 -4.06 1.54
C HIS A 72 -6.16 -4.40 0.77
N ASP A 73 -7.29 -4.15 1.39
CA ASP A 73 -8.62 -4.25 0.78
C ASP A 73 -9.13 -2.83 0.65
N ASP A 74 -8.97 -2.24 -0.53
CA ASP A 74 -9.32 -0.86 -0.81
C ASP A 74 -10.70 -0.85 -1.41
N PRO A 75 -11.63 -0.06 -0.86
CA PRO A 75 -12.98 -0.05 -1.42
C PRO A 75 -13.09 0.69 -2.75
N LEU A 76 -12.03 1.38 -3.15
CA LEU A 76 -11.96 2.12 -4.41
C LEU A 76 -10.75 1.65 -5.23
N GLU A 77 -10.67 2.09 -6.49
CA GLU A 77 -9.61 1.66 -7.39
C GLU A 77 -8.28 2.26 -7.01
N GLU A 78 -7.21 1.61 -7.46
CA GLU A 78 -5.87 2.14 -7.34
C GLU A 78 -5.18 2.06 -8.68
N PHE A 79 -4.55 3.18 -9.06
CA PHE A 79 -3.77 3.27 -10.27
C PHE A 79 -2.29 3.26 -9.95
N PHE A 80 -1.52 2.47 -10.69
CA PHE A 80 -0.06 2.39 -10.52
C PHE A 80 0.65 2.75 -11.80
N TYR A 81 1.77 3.46 -11.69
CA TYR A 81 2.69 3.61 -12.81
C TYR A 81 4.10 3.44 -12.22
N GLN A 82 4.74 2.36 -12.56
CA GLN A 82 6.07 2.03 -12.02
C GLN A 82 7.09 2.80 -12.85
N LEU A 83 7.46 3.99 -12.35
CA LEU A 83 8.31 4.90 -13.13
C LEU A 83 9.75 4.47 -13.17
N ARG A 84 10.28 4.00 -12.00
CA ARG A 84 11.66 3.63 -11.89
C ARG A 84 11.72 2.29 -11.16
N GLY A 85 12.59 1.40 -11.64
CA GLY A 85 12.80 0.08 -11.07
C GLY A 85 11.58 -0.82 -11.16
N ASN A 86 11.65 -1.96 -10.46
CA ASN A 86 10.62 -2.98 -10.56
C ASN A 86 10.02 -3.28 -9.19
N ALA A 87 8.76 -3.65 -9.19
CA ALA A 87 8.08 -4.07 -7.99
C ALA A 87 7.04 -5.12 -8.35
N TYR A 88 6.37 -5.67 -7.33
CA TYR A 88 5.32 -6.60 -7.68
C TYR A 88 4.26 -6.54 -6.59
N LEU A 89 3.05 -6.97 -6.95
CA LEU A 89 1.93 -7.02 -6.01
C LEU A 89 1.64 -8.49 -5.73
N ASN A 90 1.63 -8.90 -4.45
CA ASN A 90 1.02 -10.18 -4.13
C ASN A 90 -0.49 -9.97 -4.05
N LEU A 91 -1.24 -10.81 -4.75
CA LEU A 91 -2.69 -10.69 -4.81
C LEU A 91 -3.39 -11.95 -4.33
N TRP A 92 -4.65 -11.76 -3.99
CA TRP A 92 -5.64 -12.81 -4.06
C TRP A 92 -6.57 -12.51 -5.23
N VAL A 93 -6.58 -13.37 -6.25
CA VAL A 93 -7.56 -13.27 -7.33
C VAL A 93 -8.21 -14.63 -7.49
N ASP A 94 -9.54 -14.64 -7.55
CA ASP A 94 -10.31 -15.86 -7.76
C ASP A 94 -9.98 -16.93 -6.70
N GLY A 95 -9.61 -16.48 -5.50
CA GLY A 95 -9.41 -17.40 -4.40
C GLY A 95 -8.03 -18.00 -4.27
N ARG A 96 -7.06 -17.55 -5.10
CA ARG A 96 -5.71 -18.11 -5.13
C ARG A 96 -4.67 -17.00 -5.07
N ARG A 97 -3.50 -17.32 -4.51
CA ARG A 97 -2.40 -16.37 -4.49
C ARG A 97 -1.86 -16.18 -5.89
N GLU A 98 -1.62 -14.93 -6.24
CA GLU A 98 -1.13 -14.59 -7.57
C GLU A 98 -0.18 -13.42 -7.40
N ARG A 99 0.66 -13.24 -8.40
CA ARG A 99 1.67 -12.18 -8.40
C ARG A 99 1.45 -11.30 -9.63
N ALA A 100 1.23 -10.01 -9.44
CA ALA A 100 1.23 -9.09 -10.59
C ALA A 100 2.55 -8.31 -10.57
N ASP A 101 3.38 -8.51 -11.60
CA ASP A 101 4.63 -7.78 -11.69
C ASP A 101 4.38 -6.35 -12.17
N LEU A 102 5.04 -5.41 -11.51
CA LEU A 102 5.07 -4.02 -11.94
C LEU A 102 6.49 -3.75 -12.41
N LYS A 103 6.76 -4.12 -13.66
CA LYS A 103 8.06 -3.86 -14.25
C LYS A 103 8.20 -2.38 -14.57
N GLU A 104 9.45 -1.92 -14.59
CA GLU A 104 9.70 -0.51 -14.91
C GLU A 104 8.99 -0.12 -16.21
N GLY A 105 8.14 0.91 -16.13
CA GLY A 105 7.36 1.39 -17.30
C GLY A 105 5.92 0.86 -17.31
N ASP A 106 5.57 -0.06 -16.39
CA ASP A 106 4.23 -0.64 -16.37
C ASP A 106 3.21 0.31 -15.76
N ILE A 107 1.99 0.30 -16.30
CA ILE A 107 0.85 0.88 -15.61
C ILE A 107 -0.13 -0.25 -15.34
N PHE A 108 -1.05 0.02 -14.41
CA PHE A 108 -1.96 -1.02 -13.94
C PHE A 108 -3.09 -0.34 -13.18
N LEU A 109 -4.32 -0.86 -13.36
CA LEU A 109 -5.47 -0.36 -12.61
C LEU A 109 -6.06 -1.51 -11.81
N LEU A 110 -6.08 -1.36 -10.51
CA LEU A 110 -6.52 -2.42 -9.58
C LEU A 110 -7.99 -2.20 -9.29
N PRO A 111 -8.86 -3.17 -9.52
CA PRO A 111 -10.29 -2.99 -9.17
C PRO A 111 -10.47 -2.86 -7.67
N PRO A 112 -11.58 -2.26 -7.23
CA PRO A 112 -11.91 -2.27 -5.79
C PRO A 112 -11.86 -3.67 -5.18
N HIS A 113 -11.38 -3.73 -3.93
CA HIS A 113 -11.52 -4.88 -3.03
C HIS A 113 -10.62 -6.04 -3.42
N VAL A 114 -9.80 -5.92 -4.46
CA VAL A 114 -8.84 -6.98 -4.74
C VAL A 114 -7.72 -6.89 -3.72
N ARG A 115 -7.50 -7.96 -2.95
CA ARG A 115 -6.51 -7.91 -1.87
C ARG A 115 -5.12 -7.86 -2.47
N HIS A 116 -4.29 -6.92 -2.00
CA HIS A 116 -2.97 -6.68 -2.61
C HIS A 116 -1.95 -6.29 -1.56
N SER A 117 -0.74 -6.86 -1.70
CA SER A 117 0.37 -6.67 -0.77
C SER A 117 1.57 -6.22 -1.60
N PRO A 118 1.84 -4.92 -1.70
CA PRO A 118 2.93 -4.44 -2.57
C PRO A 118 4.28 -4.85 -2.00
N GLN A 119 5.15 -5.35 -2.87
CA GLN A 119 6.51 -5.72 -2.50
C GLN A 119 7.45 -4.90 -3.35
N ARG A 120 8.38 -4.20 -2.74
CA ARG A 120 9.19 -3.22 -3.46
C ARG A 120 10.62 -3.52 -3.08
N PRO A 121 11.25 -4.53 -3.68
CA PRO A 121 12.59 -4.92 -3.25
C PRO A 121 13.69 -3.91 -3.58
N GLU A 122 13.48 -2.97 -4.51
CA GLU A 122 14.63 -2.29 -5.09
C GLU A 122 14.79 -0.91 -4.47
N ALA A 123 16.01 -0.59 -4.03
CA ALA A 123 16.32 0.79 -3.72
C ALA A 123 16.27 1.64 -5.01
N GLY A 124 15.99 2.92 -4.85
CA GLY A 124 15.86 3.84 -5.97
C GLY A 124 14.65 3.63 -6.83
N SER A 125 13.80 2.63 -6.56
CA SER A 125 12.61 2.49 -7.36
C SER A 125 11.61 3.58 -7.01
N ALA A 126 10.68 3.83 -7.93
CA ALA A 126 9.67 4.83 -7.68
C ALA A 126 8.39 4.48 -8.42
N CYS A 127 7.27 4.45 -7.70
CA CYS A 127 5.99 4.09 -8.31
C CYS A 127 5.00 5.19 -8.00
N LEU A 128 4.35 5.72 -9.06
CA LEU A 128 3.28 6.68 -8.90
C LEU A 128 2.06 5.86 -8.54
N VAL A 129 1.42 6.16 -7.42
CA VAL A 129 0.18 5.48 -7.06
C VAL A 129 -0.89 6.53 -6.85
N ILE A 130 -2.07 6.34 -7.45
CA ILE A 130 -3.15 7.31 -7.34
C ILE A 130 -4.39 6.59 -6.87
N GLU A 131 -5.00 7.14 -5.81
CA GLU A 131 -6.18 6.61 -5.14
C GLU A 131 -7.07 7.77 -4.88
N ARG A 132 -8.26 7.47 -4.38
CA ARG A 132 -9.28 8.47 -4.08
C ARG A 132 -9.47 8.58 -2.59
N GLN A 133 -9.72 9.78 -2.08
CA GLN A 133 -10.20 9.91 -0.69
C GLN A 133 -11.45 9.08 -0.46
N ARG A 134 -11.46 8.27 0.59
CA ARG A 134 -12.68 7.52 0.86
C ARG A 134 -13.68 8.37 1.62
N PRO A 135 -14.95 8.39 1.21
CA PRO A 135 -15.98 9.10 1.97
C PRO A 135 -16.24 8.43 3.32
N ALA A 136 -16.80 9.22 4.23
CA ALA A 136 -17.16 8.67 5.53
C ALA A 136 -18.01 7.43 5.35
N GLY A 137 -17.70 6.39 6.10
CA GLY A 137 -18.48 5.17 6.05
C GLY A 137 -17.91 4.14 5.10
N MET A 138 -17.02 4.54 4.24
CA MET A 138 -16.39 3.62 3.31
C MET A 138 -15.05 3.25 3.90
N LEU A 139 -14.96 2.04 4.44
CA LEU A 139 -13.81 1.61 5.23
C LEU A 139 -12.77 0.84 4.43
N ASP A 140 -11.52 1.01 4.78
CA ASP A 140 -10.44 0.20 4.25
C ASP A 140 -10.25 -1.04 5.11
N GLY A 141 -9.69 -2.08 4.51
CA GLY A 141 -9.34 -3.29 5.23
C GLY A 141 -7.86 -3.59 5.12
N PHE A 142 -7.29 -4.15 6.20
CA PHE A 142 -5.92 -4.64 6.15
C PHE A 142 -5.98 -6.03 6.78
N GLU A 143 -5.47 -7.02 6.03
CA GLU A 143 -5.65 -8.45 6.31
C GLU A 143 -4.30 -9.13 6.28
N TRP A 144 -4.16 -10.14 7.14
CA TRP A 144 -3.08 -11.11 7.06
C TRP A 144 -3.63 -12.52 6.89
N TYR A 145 -2.93 -13.35 6.14
CA TYR A 145 -3.36 -14.70 5.83
C TYR A 145 -2.31 -15.69 6.31
N CYS A 146 -2.79 -16.90 6.63
CA CYS A 146 -1.95 -17.98 7.20
C CYS A 146 -1.08 -18.57 6.08
N ASP A 147 0.25 -18.56 6.28
CA ASP A 147 1.16 -19.17 5.31
C ASP A 147 1.00 -20.68 5.22
N ALA A 148 0.42 -21.33 6.23
CA ALA A 148 0.30 -22.78 6.28
C ALA A 148 -0.99 -23.28 5.64
N CYS A 149 -2.10 -22.55 5.79
CA CYS A 149 -3.39 -23.05 5.35
C CYS A 149 -4.19 -22.04 4.53
N GLY A 150 -3.71 -20.80 4.38
CA GLY A 150 -4.35 -19.81 3.56
C GLY A 150 -5.54 -19.10 4.19
N HIS A 151 -5.96 -19.52 5.37
CA HIS A 151 -7.09 -18.89 6.03
C HIS A 151 -6.75 -17.47 6.44
N LEU A 152 -7.77 -16.64 6.54
CA LEU A 152 -7.56 -15.28 7.04
C LEU A 152 -7.26 -15.37 8.54
N VAL A 153 -6.22 -14.66 8.96
CA VAL A 153 -5.80 -14.65 10.37
C VAL A 153 -6.40 -13.48 11.12
N HIS A 154 -6.43 -12.31 10.49
CA HIS A 154 -6.81 -11.10 11.17
C HIS A 154 -7.17 -10.05 10.14
N ARG A 155 -8.21 -9.29 10.44
CA ARG A 155 -8.60 -8.19 9.57
C ARG A 155 -8.91 -6.99 10.47
N VAL A 156 -8.43 -5.80 10.06
CA VAL A 156 -8.78 -4.57 10.75
C VAL A 156 -9.38 -3.65 9.71
N GLU A 157 -10.50 -3.02 10.05
CA GLU A 157 -11.08 -1.98 9.19
C GLU A 157 -10.85 -0.59 9.79
N VAL A 158 -10.58 0.38 8.90
CA VAL A 158 -10.28 1.74 9.34
C VAL A 158 -10.96 2.69 8.41
N GLN A 159 -11.44 3.79 8.97
CA GLN A 159 -11.78 4.94 8.14
C GLN A 159 -10.47 5.65 7.85
N LEU A 160 -9.98 5.52 6.63
CA LEU A 160 -8.62 5.93 6.29
C LEU A 160 -8.61 7.43 5.97
N LYS A 161 -7.81 8.16 6.74
CA LYS A 161 -7.60 9.58 6.53
C LYS A 161 -6.18 9.93 6.10
N SER A 162 -5.17 9.23 6.63
CA SER A 162 -3.78 9.52 6.30
C SER A 162 -2.95 8.26 6.41
N ILE A 163 -2.39 7.82 5.27
CA ILE A 163 -1.60 6.59 5.24
C ILE A 163 -0.41 6.67 6.21
N VAL A 164 0.26 7.83 6.26
CA VAL A 164 1.47 7.93 7.06
C VAL A 164 1.19 7.76 8.55
N THR A 165 -0.02 8.11 8.99
CA THR A 165 -0.29 8.17 10.42
C THR A 165 -1.34 7.19 10.94
N ASP A 166 -2.15 6.59 10.07
CA ASP A 166 -3.23 5.71 10.50
C ASP A 166 -2.88 4.24 10.36
N LEU A 167 -1.85 3.91 9.58
CA LEU A 167 -1.48 2.54 9.30
C LEU A 167 -0.42 1.97 10.25
N PRO A 168 0.58 2.73 10.70
CA PRO A 168 1.63 2.13 11.54
C PRO A 168 1.07 1.56 12.83
N PRO A 169 0.28 2.31 13.61
CA PRO A 169 -0.20 1.73 14.88
C PRO A 169 -1.02 0.47 14.66
N LEU A 170 -1.68 0.36 13.50
CA LEU A 170 -2.46 -0.81 13.14
C LEU A 170 -1.57 -2.03 12.89
N PHE A 171 -0.63 -1.91 11.95
CA PHE A 171 0.39 -2.93 11.75
C PHE A 171 1.12 -3.27 13.04
N GLU A 172 1.48 -2.26 13.83
CA GLU A 172 2.28 -2.53 15.01
C GLU A 172 1.48 -3.35 16.02
N SER A 173 0.16 -3.12 16.11
CA SER A 173 -0.62 -3.88 17.09
C SER A 173 -0.79 -5.34 16.66
N PHE A 174 -0.77 -5.60 15.35
CA PHE A 174 -0.74 -6.97 14.83
C PHE A 174 0.58 -7.66 15.22
N TYR A 175 1.70 -7.06 14.81
CA TYR A 175 2.99 -7.67 15.17
C TYR A 175 3.13 -7.88 16.66
N ALA A 176 2.48 -7.06 17.48
CA ALA A 176 2.72 -7.15 18.91
C ALA A 176 1.86 -8.21 19.59
N SER A 177 0.90 -8.81 18.88
CA SER A 177 -0.11 -9.66 19.53
C SER A 177 -0.02 -11.07 18.98
N GLU A 178 0.39 -12.02 19.81
CA GLU A 178 0.34 -13.39 19.36
C GLU A 178 -1.10 -13.83 19.09
N ASP A 179 -2.06 -13.30 19.86
CA ASP A 179 -3.46 -13.62 19.62
C ASP A 179 -3.94 -13.13 18.26
N LYS A 180 -3.62 -11.88 17.88
CA LYS A 180 -4.08 -11.45 16.56
C LYS A 180 -3.44 -12.29 15.48
N ARG A 181 -2.22 -12.78 15.72
CA ARG A 181 -1.47 -13.49 14.68
C ARG A 181 -1.83 -14.98 14.61
N ARG A 182 -2.63 -15.47 15.53
CA ARG A 182 -2.94 -16.90 15.64
C ARG A 182 -3.99 -17.28 14.60
N CYS A 183 -3.63 -18.20 13.71
CA CYS A 183 -4.57 -18.65 12.68
C CYS A 183 -5.75 -19.35 13.35
N PRO A 184 -6.99 -18.96 13.03
CA PRO A 184 -8.15 -19.59 13.68
C PRO A 184 -8.44 -20.97 13.14
N HIS A 185 -7.87 -21.32 12.00
CA HIS A 185 -8.13 -22.60 11.36
C HIS A 185 -7.12 -23.68 11.76
N CYS A 186 -5.83 -23.39 11.59
CA CYS A 186 -4.81 -24.38 11.87
C CYS A 186 -4.00 -24.08 13.13
N GLY A 187 -4.16 -22.92 13.75
CA GLY A 187 -3.42 -22.61 14.97
C GLY A 187 -2.03 -22.04 14.77
N GLN A 188 -1.51 -22.01 13.55
CA GLN A 188 -0.19 -21.44 13.31
C GLN A 188 -0.16 -19.95 13.65
N VAL A 189 0.87 -19.55 14.41
CA VAL A 189 1.04 -18.13 14.69
C VAL A 189 1.78 -17.44 13.54
N HIS A 190 1.13 -16.45 12.92
CA HIS A 190 1.73 -15.71 11.82
C HIS A 190 3.03 -15.05 12.27
N PRO A 191 4.05 -15.01 11.42
CA PRO A 191 5.34 -14.42 11.83
C PRO A 191 5.29 -12.92 12.16
N GLY A 192 4.34 -12.18 11.64
CA GLY A 192 4.27 -10.78 11.99
C GLY A 192 4.88 -9.89 10.93
N ARG A 193 6.13 -9.48 11.14
CA ARG A 193 6.72 -8.47 10.27
C ARG A 193 7.44 -9.06 9.07
N ALA A 194 8.37 -9.98 9.31
CA ALA A 194 9.27 -10.54 8.29
C ALA A 194 8.70 -11.86 7.79
N ALA A 195 8.02 -11.81 6.64
CA ALA A 195 7.51 -13.01 5.98
C ALA A 195 7.33 -12.79 4.47
#